data_4ZAR
#
_entry.id   4ZAR
#
_cell.length_a   67.850
_cell.length_b   67.850
_cell.length_c   102.510
_cell.angle_alpha   90.000
_cell.angle_beta   90.000
_cell.angle_gamma   90.000
#
_symmetry.space_group_name_H-M   'P 43 21 2'
#
loop_
_entity.id
_entity.type
_entity.pdbx_description
1 polymer 'Proteinase K'
2 polymer 'METHOXYSUCCINYL-ALA-ALA-PRO-PHE-CHLOROMETHYL KETONE, bound form'
3 non-polymer 'CALCIUM ION'
4 water water
#
loop_
_entity_poly.entity_id
_entity_poly.type
_entity_poly.pdbx_seq_one_letter_code
_entity_poly.pdbx_strand_id
1 'polypeptide(L)'
;AAQTNAPWGLARISSTSPGTSTYYYDESAGQGSCVYVIDTGIEASHPEFEGRAQMVKTYYYSSRDGNGHGTHCAGTVGSR
TYGVAKKTQLFGVKVLDDNGSGQYSTIIAGMDFVASDKNNRNCPKGVVASLSLGGGYSSSVNSAAARLQSSGVMVAVAAG
NNNADARNYSPASEPSVCTVGASDRYDRRSSFSNYGSVLDIFGPGTDILSTWIGGSTRSISGTSMATPHVAGLAAYLMTL
GKTTAASACRYIADTANKGDLSNIPFGTVNLLAYNNYQA
;
A
2 'polypeptide(L)' (MSU)AAP(PCS) B
#
loop_
_chem_comp.id
_chem_comp.type
_chem_comp.name
_chem_comp.formula
CA non-polymer 'CALCIUM ION' 'Ca 2'
MSU non-polymer 'SUCCINIC ACID MONOMETHYL ESTER' 'C5 H8 O4'
#
# COMPACT_ATOMS: atom_id res chain seq x y z
N ALA A 1 13.27 1.65 17.36
CA ALA A 1 12.39 0.60 17.94
C ALA A 1 12.63 -0.72 17.23
N ALA A 2 12.40 -1.82 17.92
CA ALA A 2 12.55 -3.16 17.40
C ALA A 2 11.32 -3.97 17.78
N GLN A 3 10.68 -4.57 16.78
CA GLN A 3 9.57 -5.52 16.98
C GLN A 3 10.09 -6.87 16.64
N THR A 4 10.27 -7.73 17.63
CA THR A 4 10.73 -9.08 17.40
C THR A 4 9.66 -9.96 16.83
N ASN A 5 10.08 -11.01 16.11
CA ASN A 5 9.18 -11.96 15.47
C ASN A 5 8.08 -11.26 14.71
N ALA A 6 8.48 -10.29 13.95
CA ALA A 6 7.59 -9.55 13.09
C ALA A 6 7.23 -10.38 11.88
N PRO A 7 6.12 -10.06 11.18
CA PRO A 7 5.89 -10.66 9.88
C PRO A 7 7.13 -10.44 8.99
N TRP A 8 7.42 -11.41 8.13
CA TRP A 8 8.67 -11.33 7.35
C TRP A 8 8.76 -10.06 6.54
N GLY A 9 7.62 -9.58 6.02
CA GLY A 9 7.65 -8.39 5.17
C GLY A 9 8.05 -7.14 5.89
N LEU A 10 7.62 -6.99 7.15
CA LEU A 10 8.06 -5.87 7.95
C LEU A 10 9.55 -5.96 8.18
N ALA A 11 10.04 -7.14 8.58
CA ALA A 11 11.47 -7.31 8.77
C ALA A 11 12.22 -6.99 7.47
N ARG A 12 11.68 -7.39 6.32
CA ARG A 12 12.36 -7.16 5.06
C ARG A 12 12.52 -5.70 4.75
N ILE A 13 11.48 -4.90 5.01
CA ILE A 13 11.59 -3.51 4.62
CA ILE A 13 11.41 -3.43 4.78
C ILE A 13 12.51 -2.70 5.52
N SER A 14 12.98 -3.27 6.63
CA SER A 14 14.00 -2.59 7.45
C SER A 14 15.34 -3.31 7.40
N SER A 15 15.54 -4.13 6.38
CA SER A 15 16.78 -4.89 6.29
C SER A 15 17.44 -4.74 4.94
N THR A 16 18.78 -4.79 4.92
CA THR A 16 19.51 -4.91 3.69
C THR A 16 19.53 -6.32 3.15
N SER A 17 19.13 -7.31 3.95
CA SER A 17 19.17 -8.72 3.59
C SER A 17 17.87 -9.43 3.88
N PRO A 18 17.54 -10.49 3.11
CA PRO A 18 16.46 -11.38 3.45
C PRO A 18 16.81 -12.25 4.64
N GLY A 19 15.81 -12.88 5.23
CA GLY A 19 16.07 -13.93 6.19
C GLY A 19 16.13 -13.47 7.62
N THR A 20 15.65 -12.29 7.94
CA THR A 20 15.63 -11.82 9.34
C THR A 20 14.17 -11.64 9.76
N SER A 21 13.96 -11.46 11.06
CA SER A 21 12.62 -11.53 11.64
C SER A 21 12.29 -10.39 12.57
N THR A 22 13.13 -9.38 12.68
CA THR A 22 12.87 -8.24 13.55
C THR A 22 12.65 -7.00 12.67
N TYR A 23 11.59 -6.25 12.94
CA TYR A 23 11.31 -4.98 12.27
C TYR A 23 11.88 -3.85 13.07
N TYR A 24 12.73 -3.04 12.42
CA TYR A 24 13.36 -1.90 13.08
C TYR A 24 12.79 -0.62 12.47
N TYR A 25 12.38 0.33 13.30
CA TYR A 25 11.76 1.53 12.81
C TYR A 25 11.85 2.65 13.84
N ASP A 26 11.82 3.88 13.36
CA ASP A 26 11.78 5.01 14.25
C ASP A 26 10.40 5.07 14.97
N GLU A 27 10.44 5.33 16.26
CA GLU A 27 9.24 5.29 17.09
C GLU A 27 8.17 6.29 16.68
N SER A 28 8.51 7.32 15.92
CA SER A 28 7.48 8.23 15.40
C SER A 28 6.39 7.46 14.64
N ALA A 29 6.80 6.43 13.91
CA ALA A 29 5.82 5.44 13.40
C ALA A 29 4.67 6.01 12.57
N GLY A 30 4.96 7.06 11.79
CA GLY A 30 3.90 7.63 10.97
C GLY A 30 2.89 8.49 11.71
N GLN A 31 3.15 8.86 12.96
CA GLN A 31 2.20 9.72 13.68
CA GLN A 31 2.24 9.74 13.70
C GLN A 31 2.06 11.06 12.92
N GLY A 32 0.83 11.53 12.79
CA GLY A 32 0.55 12.79 12.15
C GLY A 32 0.38 12.68 10.62
N SER A 33 0.59 11.51 10.06
CA SER A 33 0.25 11.19 8.69
C SER A 33 -1.09 10.52 8.62
N CYS A 34 -1.59 10.36 7.40
CA CYS A 34 -2.84 9.69 7.13
CA CYS A 34 -2.75 9.53 7.22
C CYS A 34 -2.70 8.78 5.91
N VAL A 35 -3.34 7.62 5.95
CA VAL A 35 -3.39 6.74 4.78
C VAL A 35 -4.83 6.37 4.52
N TYR A 36 -5.28 6.67 3.31
CA TYR A 36 -6.56 6.23 2.79
C TYR A 36 -6.40 4.85 2.16
N VAL A 37 -7.23 3.88 2.58
CA VAL A 37 -7.21 2.55 2.04
C VAL A 37 -8.47 2.40 1.19
N ILE A 38 -8.28 2.38 -0.13
CA ILE A 38 -9.39 2.44 -1.06
C ILE A 38 -9.62 0.99 -1.55
N ASP A 39 -10.70 0.35 -1.06
CA ASP A 39 -10.78 -1.11 -1.12
C ASP A 39 -12.18 -1.53 -0.76
N THR A 40 -12.31 -2.70 -0.10
CA THR A 40 -13.58 -3.23 0.33
C THR A 40 -14.05 -2.68 1.67
N GLY A 41 -13.33 -1.73 2.25
CA GLY A 41 -13.60 -1.22 3.60
C GLY A 41 -12.54 -1.65 4.58
N ILE A 42 -12.75 -1.25 5.84
CA ILE A 42 -11.84 -1.61 6.91
C ILE A 42 -12.72 -1.93 8.11
N GLU A 43 -12.43 -3.04 8.79
CA GLU A 43 -13.09 -3.35 10.07
C GLU A 43 -12.39 -2.54 11.15
N ALA A 44 -12.86 -1.30 11.31
CA ALA A 44 -12.19 -0.35 12.20
C ALA A 44 -12.20 -0.74 13.66
N SER A 45 -13.17 -1.56 14.05
CA SER A 45 -13.26 -2.05 15.42
C SER A 45 -12.18 -3.08 15.79
N HIS A 46 -11.41 -3.58 14.82
CA HIS A 46 -10.40 -4.58 15.12
C HIS A 46 -9.45 -4.01 16.19
N PRO A 47 -9.17 -4.78 17.26
CA PRO A 47 -8.26 -4.28 18.27
C PRO A 47 -6.90 -3.81 17.75
N GLU A 48 -6.45 -4.44 16.69
CA GLU A 48 -5.19 -4.08 16.06
C GLU A 48 -5.09 -2.64 15.60
N PHE A 49 -6.21 -1.98 15.37
CA PHE A 49 -6.17 -0.60 14.90
C PHE A 49 -6.19 0.42 16.00
N GLU A 50 -6.53 0.01 17.24
CA GLU A 50 -6.38 0.90 18.37
C GLU A 50 -7.14 2.20 18.28
N GLY A 51 -8.26 2.22 17.59
CA GLY A 51 -9.04 3.44 17.43
C GLY A 51 -8.50 4.38 16.36
N ARG A 52 -7.44 4.03 15.66
CA ARG A 52 -6.81 4.88 14.63
C ARG A 52 -7.43 4.70 13.25
N ALA A 53 -8.32 3.73 13.09
CA ALA A 53 -8.99 3.51 11.81
C ALA A 53 -10.42 3.97 11.85
N GLN A 54 -10.91 4.46 10.73
CA GLN A 54 -12.31 4.78 10.58
C GLN A 54 -12.72 4.70 9.14
N MET A 55 -13.96 4.35 8.93
CA MET A 55 -14.57 4.45 7.59
C MET A 55 -14.99 5.87 7.33
N VAL A 56 -14.66 6.40 6.17
CA VAL A 56 -15.06 7.77 5.83
C VAL A 56 -15.98 7.81 4.62
N LYS A 57 -16.10 6.74 3.85
CA LYS A 57 -16.95 6.74 2.68
C LYS A 57 -17.26 5.34 2.21
N THR A 58 -18.50 5.14 1.75
CA THR A 58 -18.89 3.92 1.05
C THR A 58 -19.81 4.31 -0.09
N TYR A 59 -19.85 3.45 -1.11
CA TYR A 59 -20.78 3.59 -2.22
C TYR A 59 -21.80 2.48 -2.24
N TYR A 60 -21.92 1.72 -1.15
CA TYR A 60 -22.76 0.56 -1.06
C TYR A 60 -23.65 0.69 0.16
N TYR A 61 -24.53 -0.28 0.35
CA TYR A 61 -25.49 -0.21 1.43
C TYR A 61 -24.85 -0.10 2.80
N SER A 62 -23.62 -0.58 2.95
CA SER A 62 -22.93 -0.51 4.21
C SER A 62 -21.48 -0.09 3.98
N SER A 63 -20.86 0.44 5.04
CA SER A 63 -19.42 0.70 5.03
CA SER A 63 -19.42 0.72 5.09
C SER A 63 -18.62 -0.45 5.60
N ARG A 64 -19.30 -1.50 6.08
CA ARG A 64 -18.61 -2.65 6.60
CA ARG A 64 -18.59 -2.66 6.61
C ARG A 64 -17.78 -3.38 5.52
N ASP A 65 -16.60 -3.85 5.93
CA ASP A 65 -15.82 -4.75 5.08
C ASP A 65 -16.40 -6.16 5.26
N GLY A 66 -17.21 -6.59 4.32
CA GLY A 66 -17.67 -7.96 4.28
C GLY A 66 -16.82 -8.91 3.49
N ASN A 67 -15.64 -8.45 3.05
CA ASN A 67 -14.75 -9.24 2.24
C ASN A 67 -13.49 -9.66 3.01
N GLY A 68 -12.76 -8.68 3.54
CA GLY A 68 -11.53 -8.91 4.26
C GLY A 68 -10.33 -8.24 3.61
N HIS A 69 -10.35 -8.09 2.29
CA HIS A 69 -9.19 -7.59 1.56
C HIS A 69 -8.76 -6.24 2.08
N GLY A 70 -9.72 -5.31 2.23
CA GLY A 70 -9.39 -3.99 2.68
C GLY A 70 -8.86 -3.94 4.08
N THR A 71 -9.43 -4.77 4.95
CA THR A 71 -8.97 -4.90 6.35
C THR A 71 -7.53 -5.42 6.40
N HIS A 72 -7.22 -6.39 5.55
CA HIS A 72 -5.87 -6.92 5.50
C HIS A 72 -4.85 -5.87 5.03
N CYS A 73 -5.22 -5.17 3.97
CA CYS A 73 -4.34 -4.10 3.47
C CYS A 73 -4.15 -3.02 4.49
N ALA A 74 -5.24 -2.59 5.15
CA ALA A 74 -5.11 -1.57 6.20
C ALA A 74 -4.19 -2.04 7.34
N GLY A 75 -4.28 -3.33 7.70
CA GLY A 75 -3.42 -3.85 8.71
C GLY A 75 -1.94 -3.78 8.35
N THR A 76 -1.60 -3.98 7.08
CA THR A 76 -0.20 -3.89 6.67
C THR A 76 0.24 -2.44 6.67
N VAL A 77 -0.66 -1.49 6.36
CA VAL A 77 -0.27 -0.10 6.47
C VAL A 77 0.05 0.25 7.91
N GLY A 78 -0.90 -0.05 8.83
CA GLY A 78 -0.91 0.65 10.11
C GLY A 78 -1.43 -0.09 11.32
N SER A 79 -1.63 -1.40 11.29
CA SER A 79 -1.95 -2.11 12.53
C SER A 79 -0.78 -2.14 13.49
N ARG A 80 -1.09 -2.30 14.78
CA ARG A 80 -0.03 -2.30 15.75
C ARG A 80 0.98 -3.45 15.56
N THR A 81 0.51 -4.66 15.25
CA THR A 81 1.39 -5.80 15.10
C THR A 81 1.86 -5.96 13.67
N TYR A 82 0.98 -5.76 12.71
CA TYR A 82 1.22 -6.15 11.35
C TYR A 82 1.57 -4.98 10.43
N GLY A 83 1.61 -3.77 10.98
CA GLY A 83 1.72 -2.57 10.15
C GLY A 83 3.10 -1.97 10.11
N VAL A 84 3.36 -1.30 8.99
CA VAL A 84 4.57 -0.54 8.78
C VAL A 84 4.60 0.73 9.62
N ALA A 85 3.49 1.48 9.59
CA ALA A 85 3.38 2.84 10.18
C ALA A 85 2.38 2.74 11.33
N LYS A 86 2.87 2.31 12.49
CA LYS A 86 2.00 1.85 13.58
C LYS A 86 1.24 2.93 14.30
N LYS A 87 1.50 4.22 13.98
CA LYS A 87 0.77 5.35 14.56
C LYS A 87 0.07 6.19 13.53
N THR A 88 -0.02 5.76 12.27
CA THR A 88 -0.73 6.56 11.28
C THR A 88 -2.24 6.49 11.51
N GLN A 89 -2.94 7.46 10.93
CA GLN A 89 -4.41 7.45 10.87
C GLN A 89 -4.83 6.73 9.60
N LEU A 90 -5.79 5.84 9.71
CA LEU A 90 -6.27 5.05 8.60
C LEU A 90 -7.71 5.45 8.27
N PHE A 91 -7.95 5.73 6.99
CA PHE A 91 -9.28 6.12 6.55
C PHE A 91 -9.74 5.16 5.46
N GLY A 92 -10.88 4.51 5.68
CA GLY A 92 -11.38 3.57 4.70
C GLY A 92 -12.33 4.16 3.72
N VAL A 93 -12.18 3.82 2.45
CA VAL A 93 -13.05 4.23 1.36
C VAL A 93 -13.48 2.98 0.66
N LYS A 94 -14.74 2.60 0.81
CA LYS A 94 -15.26 1.33 0.26
C LYS A 94 -15.76 1.57 -1.16
N VAL A 95 -14.89 1.32 -2.12
CA VAL A 95 -15.22 1.38 -3.53
C VAL A 95 -15.51 0.01 -4.12
N LEU A 96 -15.16 -1.06 -3.40
CA LEU A 96 -15.41 -2.41 -3.83
C LEU A 96 -16.47 -3.02 -2.97
N ASP A 97 -17.39 -3.73 -3.61
CA ASP A 97 -18.44 -4.40 -2.85
C ASP A 97 -17.88 -5.63 -2.11
N ASP A 98 -18.73 -6.29 -1.32
CA ASP A 98 -18.24 -7.41 -0.55
C ASP A 98 -17.80 -8.61 -1.40
N ASN A 99 -18.25 -8.65 -2.66
CA ASN A 99 -17.75 -9.62 -3.64
C ASN A 99 -16.42 -9.20 -4.27
N GLY A 100 -15.93 -8.02 -3.90
CA GLY A 100 -14.65 -7.49 -4.42
C GLY A 100 -14.81 -6.64 -5.68
N SER A 101 -16.01 -6.53 -6.23
CA SER A 101 -16.19 -5.84 -7.50
C SER A 101 -16.45 -4.38 -7.29
N GLY A 102 -15.94 -3.57 -8.21
CA GLY A 102 -16.32 -2.18 -8.26
C GLY A 102 -16.32 -1.66 -9.67
N GLN A 103 -17.36 -0.96 -10.06
CA GLN A 103 -17.39 -0.34 -11.36
C GLN A 103 -16.39 0.79 -11.40
N TYR A 104 -15.80 1.01 -12.57
CA TYR A 104 -14.81 2.04 -12.67
C TYR A 104 -15.34 3.43 -12.31
N SER A 105 -16.59 3.73 -12.59
CA SER A 105 -17.11 5.02 -12.20
C SER A 105 -17.09 5.20 -10.67
N THR A 106 -17.29 4.12 -9.92
CA THR A 106 -17.24 4.18 -8.47
C THR A 106 -15.81 4.34 -7.97
N ILE A 107 -14.87 3.63 -8.58
CA ILE A 107 -13.47 3.78 -8.22
C ILE A 107 -12.99 5.22 -8.46
N ILE A 108 -13.38 5.81 -9.61
CA ILE A 108 -13.02 7.17 -9.92
C ILE A 108 -13.62 8.12 -8.88
N ALA A 109 -14.91 7.95 -8.56
CA ALA A 109 -15.54 8.79 -7.55
C ALA A 109 -14.77 8.69 -6.23
N GLY A 110 -14.33 7.48 -5.86
CA GLY A 110 -13.62 7.33 -4.60
C GLY A 110 -12.28 8.01 -4.59
N MET A 111 -11.56 8.00 -5.72
CA MET A 111 -10.29 8.74 -5.80
C MET A 111 -10.54 10.26 -5.70
N ASP A 112 -11.51 10.78 -6.43
CA ASP A 112 -11.82 12.21 -6.32
C ASP A 112 -12.28 12.56 -4.91
N PHE A 113 -12.97 11.63 -4.26
CA PHE A 113 -13.36 11.83 -2.87
C PHE A 113 -12.14 12.06 -1.99
N VAL A 114 -11.13 11.19 -2.11
CA VAL A 114 -9.99 11.34 -1.26
C VAL A 114 -9.28 12.65 -1.50
N ALA A 115 -9.19 13.08 -2.76
CA ALA A 115 -8.50 14.35 -3.07
C ALA A 115 -9.16 15.51 -2.35
N SER A 116 -10.48 15.48 -2.23
CA SER A 116 -11.18 16.51 -1.48
C SER A 116 -11.18 16.28 0.03
N ASP A 117 -11.48 15.04 0.43
CA ASP A 117 -11.67 14.72 1.82
C ASP A 117 -10.46 14.99 2.66
N LYS A 118 -9.28 14.89 2.09
CA LYS A 118 -8.09 15.18 2.88
C LYS A 118 -8.16 16.57 3.49
N ASN A 119 -8.86 17.49 2.83
CA ASN A 119 -9.01 18.85 3.38
C ASN A 119 -9.93 18.91 4.59
N ASN A 120 -10.56 17.79 4.93
CA ASN A 120 -11.42 17.63 6.12
C ASN A 120 -10.72 16.87 7.22
N ARG A 121 -9.45 16.53 7.06
CA ARG A 121 -8.70 15.71 7.98
C ARG A 121 -7.49 16.43 8.45
N ASN A 122 -6.96 15.98 9.59
CA ASN A 122 -5.73 16.51 10.16
C ASN A 122 -4.57 15.58 9.89
N CYS A 123 -3.77 15.93 8.91
CA CYS A 123 -2.66 15.13 8.45
CA CYS A 123 -2.69 15.08 8.42
C CYS A 123 -1.47 16.00 8.22
N PRO A 124 -0.96 16.61 9.30
CA PRO A 124 0.11 17.58 9.15
C PRO A 124 1.36 17.06 8.49
N LYS A 125 1.63 15.78 8.64
CA LYS A 125 2.83 15.18 8.02
C LYS A 125 2.61 14.68 6.64
N GLY A 126 1.40 14.62 6.16
CA GLY A 126 1.07 14.27 4.78
C GLY A 126 0.09 13.13 4.63
N VAL A 127 -0.32 12.92 3.39
CA VAL A 127 -1.40 12.05 3.02
C VAL A 127 -0.97 11.06 1.96
N VAL A 128 -1.36 9.80 2.16
CA VAL A 128 -1.09 8.69 1.27
C VAL A 128 -2.39 8.01 0.92
N ALA A 129 -2.49 7.39 -0.25
CA ALA A 129 -3.58 6.56 -0.63
C ALA A 129 -3.05 5.25 -1.14
N SER A 130 -3.62 4.14 -0.68
CA SER A 130 -3.23 2.80 -1.06
C SER A 130 -4.36 2.15 -1.83
N LEU A 131 -4.10 1.81 -3.10
CA LEU A 131 -5.10 1.25 -4.01
C LEU A 131 -4.67 -0.16 -4.45
N SER A 132 -5.12 -1.16 -3.68
CA SER A 132 -4.80 -2.55 -3.96
C SER A 132 -5.92 -3.15 -4.82
N LEU A 133 -6.09 -2.61 -6.03
CA LEU A 133 -7.18 -2.97 -6.88
C LEU A 133 -6.86 -2.55 -8.30
N GLY A 134 -7.61 -3.10 -9.25
CA GLY A 134 -7.53 -2.62 -10.61
C GLY A 134 -8.27 -3.51 -11.58
N GLY A 135 -8.10 -3.19 -12.85
CA GLY A 135 -8.74 -3.93 -13.94
C GLY A 135 -8.02 -3.59 -15.24
N GLY A 136 -8.67 -3.81 -16.36
CA GLY A 136 -8.06 -3.49 -17.63
C GLY A 136 -7.79 -2.02 -17.86
N TYR A 137 -6.93 -1.68 -18.82
CA TYR A 137 -6.56 -0.30 -19.05
C TYR A 137 -7.80 0.59 -19.24
N SER A 138 -7.76 1.71 -18.56
CA SER A 138 -8.78 2.75 -18.67
C SER A 138 -8.08 4.10 -18.53
N SER A 139 -8.21 4.95 -19.56
CA SER A 139 -7.64 6.27 -19.45
C SER A 139 -8.31 7.11 -18.37
N SER A 140 -9.60 6.90 -18.14
CA SER A 140 -10.31 7.67 -17.13
CA SER A 140 -10.34 7.66 -17.12
C SER A 140 -9.91 7.25 -15.70
N VAL A 141 -9.69 5.96 -15.49
CA VAL A 141 -9.17 5.51 -14.20
C VAL A 141 -7.78 6.04 -13.95
N ASN A 142 -6.93 5.97 -15.00
CA ASN A 142 -5.58 6.51 -14.83
C ASN A 142 -5.59 7.99 -14.56
N SER A 143 -6.46 8.73 -15.24
CA SER A 143 -6.55 10.18 -15.03
C SER A 143 -7.00 10.51 -13.61
N ALA A 144 -7.93 9.72 -13.06
CA ALA A 144 -8.35 9.91 -11.68
C ALA A 144 -7.20 9.71 -10.71
N ALA A 145 -6.38 8.67 -10.95
CA ALA A 145 -5.23 8.41 -10.09
C ALA A 145 -4.21 9.52 -10.20
N ALA A 146 -4.03 10.03 -11.43
CA ALA A 146 -3.10 11.14 -11.66
C ALA A 146 -3.59 12.40 -10.96
N ARG A 147 -4.91 12.67 -10.97
CA ARG A 147 -5.44 13.84 -10.26
C ARG A 147 -5.22 13.71 -8.76
N LEU A 148 -5.44 12.51 -8.23
CA LEU A 148 -5.27 12.31 -6.81
C LEU A 148 -3.84 12.59 -6.38
N GLN A 149 -2.89 12.08 -7.18
CA GLN A 149 -1.46 12.35 -6.92
C GLN A 149 -1.17 13.83 -7.03
N SER A 150 -1.64 14.46 -8.10
CA SER A 150 -1.42 15.89 -8.31
C SER A 150 -1.97 16.75 -7.15
N SER A 151 -3.05 16.30 -6.55
CA SER A 151 -3.68 17.02 -5.46
C SER A 151 -2.83 17.04 -4.19
N GLY A 152 -1.75 16.28 -4.13
CA GLY A 152 -0.85 16.24 -2.96
C GLY A 152 -0.99 14.98 -2.12
N VAL A 153 -1.37 13.88 -2.73
CA VAL A 153 -1.46 12.59 -2.05
C VAL A 153 -0.45 11.65 -2.69
N MET A 154 0.29 10.92 -1.85
CA MET A 154 1.19 9.88 -2.37
C MET A 154 0.35 8.70 -2.74
N VAL A 155 0.16 8.42 -4.00
CA VAL A 155 -0.65 7.34 -4.46
C VAL A 155 0.17 6.10 -4.75
N ALA A 156 -0.11 5.01 -4.06
CA ALA A 156 0.52 3.70 -4.27
C ALA A 156 -0.53 2.75 -4.80
N VAL A 157 -0.22 2.09 -5.94
CA VAL A 157 -1.15 1.22 -6.59
C VAL A 157 -0.53 -0.13 -6.84
N ALA A 158 -1.35 -1.17 -6.78
CA ALA A 158 -0.87 -2.52 -7.04
C ALA A 158 -0.65 -2.73 -8.52
N ALA A 159 0.43 -3.44 -8.86
CA ALA A 159 0.72 -3.66 -10.28
C ALA A 159 -0.25 -4.64 -10.92
N GLY A 160 -0.85 -5.53 -10.11
CA GLY A 160 -1.71 -6.58 -10.59
C GLY A 160 -1.04 -7.94 -10.53
N ASN A 161 -1.86 -8.98 -10.66
CA ASN A 161 -1.47 -10.34 -10.31
C ASN A 161 -1.59 -11.32 -11.47
N ASN A 162 -1.23 -10.87 -12.66
CA ASN A 162 -1.41 -11.64 -13.90
C ASN A 162 -0.10 -12.18 -14.48
N ASN A 163 1.01 -11.96 -13.77
CA ASN A 163 2.31 -12.27 -14.34
C ASN A 163 2.46 -11.75 -15.74
N ALA A 164 2.09 -10.48 -15.92
CA ALA A 164 2.04 -9.84 -17.22
C ALA A 164 2.54 -8.40 -17.10
N ASP A 165 2.65 -7.74 -18.24
CA ASP A 165 3.05 -6.34 -18.23
C ASP A 165 1.94 -5.46 -17.68
N ALA A 166 2.28 -4.70 -16.65
CA ALA A 166 1.33 -3.81 -15.99
C ALA A 166 0.81 -2.68 -16.85
N ARG A 167 1.46 -2.45 -18.01
CA ARG A 167 0.97 -1.39 -18.93
C ARG A 167 -0.47 -1.57 -19.37
N ASN A 168 -0.97 -2.82 -19.28
CA ASN A 168 -2.32 -3.10 -19.73
C ASN A 168 -3.39 -3.13 -18.64
N TYR A 169 -3.05 -2.55 -17.48
CA TYR A 169 -3.96 -2.55 -16.32
C TYR A 169 -4.01 -1.14 -15.75
N SER A 170 -5.12 -0.85 -15.09
CA SER A 170 -5.34 0.44 -14.46
C SER A 170 -5.87 0.30 -13.04
N PRO A 171 -5.46 1.17 -12.12
CA PRO A 171 -4.56 2.31 -12.31
C PRO A 171 -3.06 2.02 -12.35
N ALA A 172 -2.67 0.74 -12.37
CA ALA A 172 -1.26 0.36 -12.40
C ALA A 172 -0.45 1.11 -13.48
N SER A 173 -1.05 1.29 -14.65
CA SER A 173 -0.33 1.88 -15.76
C SER A 173 -0.23 3.38 -15.78
N GLU A 174 -0.82 4.06 -14.79
CA GLU A 174 -0.70 5.52 -14.74
C GLU A 174 0.73 5.88 -14.36
N PRO A 175 1.48 6.61 -15.21
CA PRO A 175 2.87 6.85 -14.88
C PRO A 175 3.14 7.60 -13.60
N SER A 176 2.28 8.56 -13.24
CA SER A 176 2.62 9.51 -12.20
C SER A 176 2.39 8.99 -10.79
N VAL A 177 1.80 7.80 -10.63
CA VAL A 177 1.62 7.19 -9.30
C VAL A 177 2.77 6.22 -9.05
N CYS A 178 2.76 5.58 -7.88
CA CYS A 178 3.80 4.62 -7.50
CA CYS A 178 3.78 4.61 -7.48
C CYS A 178 3.23 3.22 -7.69
N THR A 179 3.70 2.53 -8.73
CA THR A 179 3.16 1.23 -9.09
C THR A 179 4.04 0.11 -8.46
N VAL A 180 3.42 -0.74 -7.66
CA VAL A 180 4.12 -1.65 -6.78
C VAL A 180 3.97 -3.10 -7.16
N GLY A 181 5.10 -3.76 -7.42
CA GLY A 181 5.17 -5.20 -7.64
C GLY A 181 5.38 -5.95 -6.33
N ALA A 182 5.27 -7.28 -6.40
CA ALA A 182 5.37 -8.13 -5.20
C ALA A 182 6.57 -9.04 -5.25
N SER A 183 7.21 -9.22 -4.07
CA SER A 183 8.28 -10.19 -3.87
C SER A 183 7.95 -11.16 -2.77
N ASP A 184 8.74 -12.24 -2.70
CA ASP A 184 8.59 -13.25 -1.67
C ASP A 184 9.78 -13.23 -0.70
N ARG A 185 9.68 -14.08 0.31
CA ARG A 185 10.61 -13.99 1.43
C ARG A 185 12.03 -14.41 1.08
N TYR A 186 12.20 -15.01 -0.10
CA TYR A 186 13.53 -15.39 -0.62
C TYR A 186 14.00 -14.40 -1.67
N ASP A 187 13.37 -13.21 -1.74
CA ASP A 187 13.77 -12.18 -2.67
C ASP A 187 13.59 -12.59 -4.13
N ARG A 188 12.61 -13.42 -4.39
CA ARG A 188 12.14 -13.69 -5.74
CA ARG A 188 12.17 -13.65 -5.74
C ARG A 188 10.98 -12.75 -6.05
N ARG A 189 10.87 -12.30 -7.32
CA ARG A 189 9.62 -11.72 -7.75
C ARG A 189 8.50 -12.73 -7.51
N SER A 190 7.42 -12.32 -6.88
CA SER A 190 6.30 -13.20 -6.67
C SER A 190 5.85 -13.74 -7.99
N SER A 191 5.44 -15.00 -8.01
CA SER A 191 5.15 -15.66 -9.27
C SER A 191 4.03 -15.01 -10.08
N PHE A 192 3.07 -14.44 -9.38
CA PHE A 192 1.90 -13.76 -9.96
C PHE A 192 2.15 -12.31 -10.28
N SER A 193 3.24 -11.74 -9.79
CA SER A 193 3.38 -10.27 -9.88
C SER A 193 3.49 -9.80 -11.31
N ASN A 194 2.70 -8.78 -11.67
CA ASN A 194 2.97 -8.07 -12.91
C ASN A 194 4.32 -7.38 -12.84
N TYR A 195 4.79 -6.97 -14.01
CA TYR A 195 6.13 -6.40 -14.19
C TYR A 195 6.05 -5.38 -15.31
N GLY A 196 7.22 -4.88 -15.71
CA GLY A 196 7.29 -3.92 -16.80
C GLY A 196 7.87 -2.62 -16.38
N SER A 197 8.08 -1.78 -17.38
CA SER A 197 8.71 -0.50 -17.22
C SER A 197 7.91 0.46 -16.32
N VAL A 198 6.61 0.27 -16.17
CA VAL A 198 5.81 1.16 -15.37
C VAL A 198 5.97 0.90 -13.88
N LEU A 199 6.47 -0.26 -13.47
CA LEU A 199 6.71 -0.49 -12.03
C LEU A 199 7.71 0.49 -11.51
N ASP A 200 7.46 1.02 -10.31
CA ASP A 200 8.39 1.89 -9.64
C ASP A 200 9.21 1.15 -8.57
N ILE A 201 8.66 0.10 -7.98
CA ILE A 201 9.21 -0.46 -6.74
C ILE A 201 8.54 -1.82 -6.53
N PHE A 202 9.23 -2.67 -5.75
CA PHE A 202 8.63 -3.90 -5.22
C PHE A 202 8.53 -3.82 -3.71
N GLY A 203 7.55 -4.53 -3.18
CA GLY A 203 7.41 -4.76 -1.76
C GLY A 203 7.03 -6.20 -1.47
N PRO A 204 7.09 -6.60 -0.21
CA PRO A 204 6.69 -7.95 0.18
C PRO A 204 5.23 -8.23 -0.19
N GLY A 205 4.99 -9.32 -0.90
CA GLY A 205 3.65 -9.65 -1.32
C GLY A 205 3.22 -11.09 -1.25
N THR A 206 4.12 -12.02 -0.97
CA THR A 206 3.78 -13.42 -0.85
C THR A 206 3.75 -13.82 0.63
N ASP A 207 2.61 -14.40 1.06
CA ASP A 207 2.46 -14.94 2.41
CA ASP A 207 2.45 -14.95 2.41
C ASP A 207 2.62 -13.87 3.49
N ILE A 208 1.69 -12.87 3.40
CA ILE A 208 1.72 -11.70 4.27
C ILE A 208 0.63 -11.82 5.34
N LEU A 209 1.06 -11.89 6.60
CA LEU A 209 0.16 -11.97 7.74
C LEU A 209 -0.33 -10.55 8.06
N SER A 210 -1.65 -10.43 8.24
CA SER A 210 -2.26 -9.17 8.62
C SER A 210 -3.65 -9.43 9.23
N THR A 211 -4.31 -8.34 9.57
CA THR A 211 -5.66 -8.34 10.10
C THR A 211 -6.68 -8.88 9.11
N TRP A 212 -7.76 -9.44 9.65
CA TRP A 212 -8.89 -9.90 8.86
C TRP A 212 -10.17 -9.59 9.61
N ILE A 213 -11.28 -9.74 8.91
CA ILE A 213 -12.59 -9.44 9.51
C ILE A 213 -12.93 -10.47 10.59
N GLY A 214 -13.86 -10.06 11.44
CA GLY A 214 -14.17 -10.84 12.63
C GLY A 214 -13.09 -10.80 13.66
N GLY A 215 -12.29 -9.74 13.69
CA GLY A 215 -11.26 -9.61 14.69
C GLY A 215 -10.18 -10.65 14.58
N SER A 216 -9.91 -11.12 13.37
CA SER A 216 -9.03 -12.27 13.19
CA SER A 216 -9.03 -12.26 13.19
C SER A 216 -7.75 -11.83 12.45
N THR A 217 -6.94 -12.80 12.03
CA THR A 217 -5.75 -12.57 11.21
C THR A 217 -5.65 -13.68 10.20
N ARG A 218 -4.98 -13.40 9.09
CA ARG A 218 -4.65 -14.45 8.12
C ARG A 218 -3.53 -13.99 7.22
N SER A 219 -2.91 -14.97 6.55
CA SER A 219 -1.86 -14.74 5.58
CA SER A 219 -1.87 -14.71 5.56
C SER A 219 -2.43 -14.90 4.19
N ILE A 220 -2.23 -13.91 3.33
CA ILE A 220 -2.65 -13.99 1.92
C ILE A 220 -1.52 -13.35 1.06
N SER A 221 -1.67 -13.48 -0.25
CA SER A 221 -0.65 -13.05 -1.19
C SER A 221 -1.22 -12.19 -2.28
N GLY A 222 -0.44 -11.23 -2.77
CA GLY A 222 -0.85 -10.41 -3.89
C GLY A 222 0.01 -9.19 -3.99
N THR A 223 -0.04 -8.55 -5.17
CA THR A 223 0.45 -7.17 -5.26
C THR A 223 -0.37 -6.25 -4.36
N SER A 224 -1.58 -6.67 -4.00
CA SER A 224 -2.37 -5.98 -3.01
C SER A 224 -1.72 -5.89 -1.63
N MET A 225 -0.86 -6.87 -1.31
CA MET A 225 -0.19 -6.93 -0.03
C MET A 225 1.10 -6.16 -0.05
N ALA A 226 1.75 -6.06 -1.24
CA ALA A 226 2.96 -5.27 -1.42
C ALA A 226 2.67 -3.79 -1.33
N THR A 227 1.57 -3.36 -1.96
CA THR A 227 1.20 -1.96 -2.04
C THR A 227 1.11 -1.25 -0.67
N PRO A 228 0.41 -1.85 0.33
CA PRO A 228 0.35 -1.20 1.64
C PRO A 228 1.66 -1.17 2.38
N HIS A 229 2.60 -2.07 2.07
CA HIS A 229 3.94 -1.89 2.65
C HIS A 229 4.54 -0.57 2.18
N VAL A 230 4.41 -0.29 0.88
CA VAL A 230 4.93 0.94 0.32
C VAL A 230 4.17 2.17 0.78
N ALA A 231 2.83 2.06 0.88
CA ALA A 231 2.02 3.15 1.40
C ALA A 231 2.38 3.50 2.84
N GLY A 232 2.50 2.45 3.66
CA GLY A 232 2.93 2.65 5.03
C GLY A 232 4.30 3.21 5.15
N LEU A 233 5.23 2.76 4.29
CA LEU A 233 6.57 3.28 4.29
C LEU A 233 6.56 4.78 3.93
N ALA A 234 5.79 5.17 2.94
CA ALA A 234 5.67 6.57 2.58
C ALA A 234 5.19 7.41 3.77
N ALA A 235 4.14 6.93 4.46
CA ALA A 235 3.61 7.68 5.61
C ALA A 235 4.69 7.84 6.70
N TYR A 236 5.37 6.74 6.98
CA TYR A 236 6.49 6.73 7.93
C TYR A 236 7.56 7.76 7.56
N LEU A 237 7.97 7.76 6.28
CA LEU A 237 9.03 8.68 5.85
C LEU A 237 8.59 10.14 5.86
N MET A 238 7.33 10.38 5.53
CA MET A 238 6.74 11.72 5.59
CA MET A 238 6.77 11.73 5.59
C MET A 238 6.74 12.22 7.02
N THR A 239 6.34 11.39 7.99
CA THR A 239 6.41 11.80 9.39
C THR A 239 7.81 12.17 9.80
N LEU A 240 8.80 11.43 9.33
CA LEU A 240 10.20 11.74 9.62
C LEU A 240 10.70 12.98 8.92
N GLY A 241 9.95 13.52 7.97
CA GLY A 241 10.38 14.71 7.24
C GLY A 241 11.34 14.42 6.13
N LYS A 242 11.49 13.15 5.77
CA LYS A 242 12.47 12.79 4.76
C LYS A 242 12.01 13.02 3.35
N THR A 243 10.69 13.06 3.15
CA THR A 243 10.12 13.29 1.83
C THR A 243 8.71 13.85 1.97
N THR A 244 8.05 14.05 0.83
CA THR A 244 6.73 14.64 0.73
C THR A 244 5.89 13.78 -0.19
N ALA A 245 4.60 14.08 -0.28
CA ALA A 245 3.75 13.24 -1.12
C ALA A 245 4.19 13.26 -2.58
N ALA A 246 4.63 14.42 -3.09
CA ALA A 246 4.99 14.53 -4.49
C ALA A 246 6.29 13.79 -4.78
N SER A 247 7.15 13.69 -3.78
CA SER A 247 8.49 13.16 -3.96
CA SER A 247 8.51 13.19 -3.93
C SER A 247 8.72 11.75 -3.40
N ALA A 248 7.72 11.19 -2.71
CA ALA A 248 7.96 9.99 -1.95
C ALA A 248 8.28 8.78 -2.82
N CYS A 249 7.60 8.62 -3.93
CA CYS A 249 7.88 7.44 -4.77
CA CYS A 249 7.87 7.49 -4.83
C CYS A 249 9.35 7.50 -5.27
N ARG A 250 9.80 8.67 -5.72
CA ARG A 250 11.20 8.84 -6.10
CA ARG A 250 11.21 8.83 -6.13
C ARG A 250 12.17 8.59 -4.96
N TYR A 251 11.84 9.10 -3.80
CA TYR A 251 12.67 8.92 -2.62
C TYR A 251 12.79 7.41 -2.26
N ILE A 252 11.65 6.73 -2.28
CA ILE A 252 11.62 5.30 -1.98
C ILE A 252 12.47 4.55 -3.02
N ALA A 253 12.32 4.88 -4.29
CA ALA A 253 13.16 4.23 -5.31
C ALA A 253 14.63 4.56 -5.09
N ASP A 254 14.97 5.80 -4.73
CA ASP A 254 16.37 6.24 -4.53
C ASP A 254 17.02 5.46 -3.40
N THR A 255 16.22 5.18 -2.38
CA THR A 255 16.74 4.60 -1.14
C THR A 255 16.50 3.09 -1.02
N ALA A 256 15.97 2.48 -2.06
CA ALA A 256 15.60 1.08 -2.07
C ALA A 256 16.83 0.20 -2.03
N ASN A 257 16.64 -1.07 -1.60
CA ASN A 257 17.62 -2.10 -1.87
C ASN A 257 17.66 -2.37 -3.35
N LYS A 258 18.85 -2.33 -3.93
CA LYS A 258 19.07 -2.44 -5.39
CA LYS A 258 19.02 -2.44 -5.38
C LYS A 258 19.66 -3.78 -5.77
N GLY A 259 19.07 -4.47 -6.74
CA GLY A 259 19.67 -5.72 -7.24
C GLY A 259 19.45 -6.96 -6.40
N ASP A 260 18.60 -6.90 -5.38
CA ASP A 260 18.39 -8.02 -4.48
C ASP A 260 17.47 -9.06 -5.06
N LEU A 261 16.60 -8.70 -6.01
CA LEU A 261 15.50 -9.62 -6.40
C LEU A 261 15.89 -10.49 -7.58
N SER A 262 15.40 -11.73 -7.60
CA SER A 262 15.49 -12.60 -8.75
C SER A 262 14.21 -12.66 -9.57
N ASN A 263 14.36 -13.21 -10.76
CA ASN A 263 13.36 -13.24 -11.79
C ASN A 263 12.65 -11.95 -12.08
N ILE A 264 13.46 -10.91 -12.18
CA ILE A 264 13.03 -9.63 -12.63
C ILE A 264 13.31 -9.60 -14.13
N PRO A 265 12.27 -9.52 -14.98
CA PRO A 265 12.50 -9.48 -16.40
C PRO A 265 13.33 -8.26 -16.77
N PHE A 266 14.15 -8.42 -17.79
N PHE A 266 14.20 -8.38 -17.76
CA PHE A 266 14.90 -7.32 -18.36
CA PHE A 266 14.98 -7.19 -18.12
C PHE A 266 13.99 -6.09 -18.59
C PHE A 266 14.02 -6.08 -18.57
N GLY A 267 14.35 -4.90 -18.12
CA GLY A 267 13.52 -3.68 -18.30
C GLY A 267 12.58 -3.33 -17.16
N THR A 268 12.49 -4.21 -16.18
CA THR A 268 11.73 -3.94 -14.92
C THR A 268 12.74 -3.56 -13.85
N VAL A 269 12.42 -2.57 -13.03
CA VAL A 269 13.32 -2.15 -11.96
C VAL A 269 13.57 -3.29 -10.97
N ASN A 270 14.81 -3.33 -10.47
CA ASN A 270 15.17 -4.27 -9.41
C ASN A 270 15.41 -3.46 -8.13
N LEU A 271 14.30 -3.07 -7.51
CA LEU A 271 14.27 -2.14 -6.36
C LEU A 271 13.27 -2.68 -5.36
N LEU A 272 13.71 -2.86 -4.11
CA LEU A 272 12.88 -3.37 -3.04
C LEU A 272 12.80 -2.34 -1.94
N ALA A 273 11.57 -1.97 -1.58
CA ALA A 273 11.33 -0.91 -0.57
C ALA A 273 12.09 -1.15 0.70
N TYR A 274 12.72 -0.09 1.23
CA TYR A 274 13.63 -0.15 2.35
C TYR A 274 13.57 1.14 3.15
N ASN A 275 13.43 1.05 4.47
CA ASN A 275 13.29 2.23 5.30
C ASN A 275 14.58 2.88 5.70
N ASN A 276 15.73 2.26 5.43
CA ASN A 276 17.03 2.80 5.80
C ASN A 276 17.10 3.28 7.21
N TYR A 277 16.44 2.56 8.11
CA TYR A 277 16.47 3.00 9.53
C TYR A 277 17.72 2.48 10.17
N GLN A 278 18.47 3.38 10.77
CA GLN A 278 19.67 3.06 11.48
C GLN A 278 19.45 3.47 12.95
N ALA A 279 19.35 2.50 13.83
CA ALA A 279 19.34 2.82 15.26
C ALA A 279 20.62 3.60 15.58
C1 MSU B 1 -13.34 -3.18 -12.96
C1 MSU B 1 -13.33 -3.21 -12.99
O1 MSU B 1 -12.38 -3.80 -13.67
O1 MSU B 1 -12.36 -3.85 -13.75
C2 MSU B 1 -14.59 -2.63 -13.58
C2 MSU B 1 -14.54 -2.71 -13.72
C3 MSU B 1 -14.55 -2.29 -15.03
C3 MSU B 1 -14.64 -3.17 -15.15
C4 MSU B 1 -15.66 -1.36 -15.49
C4 MSU B 1 -14.82 -4.66 -15.33
OT1 MSU B 1 -16.46 -0.64 -14.85
OT1 MSU B 1 -14.70 -5.11 -16.45
OT2 MSU B 1 -15.77 -1.45 -16.91
OT2 MSU B 1 -15.16 -5.57 -14.34
CT MSU B 1 -15.68 -0.23 -17.63
CT MSU B 1 -15.78 -6.71 -14.90
H21 MSU B 1 -14.83 -1.83 -13.09
H21 MSU B 1 -14.53 -1.73 -13.72
H22 MSU B 1 -15.30 -3.29 -13.46
H22 MSU B 1 -15.34 -3.01 -13.25
H31 MSU B 1 -13.69 -1.87 -15.23
H31 MSU B 1 -15.40 -2.71 -15.56
H32 MSU B 1 -14.61 -3.12 -15.53
H32 MSU B 1 -13.82 -2.90 -15.62
HT1 MSU B 1 -16.39 0.39 -17.33
HT1 MSU B 1 -16.60 -6.44 -15.37
HT2 MSU B 1 -14.81 0.20 -17.45
HT2 MSU B 1 -15.16 -7.13 -15.54
HT3 MSU B 1 -15.77 -0.40 -18.58
HT3 MSU B 1 -16.00 -7.35 -14.19
N ALA B 2 -13.25 -3.00 -11.69
CA ALA B 2 -12.10 -3.43 -10.93
C ALA B 2 -12.44 -4.58 -10.04
N ALA B 3 -11.37 -5.20 -9.54
CA ALA B 3 -11.43 -6.27 -8.55
C ALA B 3 -10.28 -6.04 -7.57
N PRO B 4 -10.31 -6.70 -6.40
CA PRO B 4 -9.24 -6.48 -5.43
C PRO B 4 -7.99 -7.23 -5.86
N PCS B 5 -6.83 -6.66 -5.55
CA PCS B 5 -5.58 -7.33 -5.80
C PCS B 5 -4.88 -7.77 -4.47
CB PCS B 5 -4.64 -6.41 -6.65
O PCS B 5 -3.79 -8.52 -4.73
CD1 PCS B 5 -5.98 -6.95 -8.75
CG PCS B 5 -5.06 -6.18 -8.10
CD2 PCS B 5 -4.51 -5.10 -8.80
CE2 PCS B 5 -4.78 -4.84 -10.12
CZ PCS B 5 -5.70 -5.64 -10.78
CE1 PCS B 5 -6.31 -6.68 -10.07
CT PCS B 5 -5.89 -8.42 -3.46
H PCS B 5 -6.74 -5.75 -5.12
HA PCS B 5 -5.73 -8.15 -6.31
HB2 PCS B 5 -4.62 -5.53 -6.25
HB3 PCS B 5 -3.76 -6.78 -6.67
HD1 PCS B 5 -6.38 -7.67 -8.31
HD2 PCS B 5 -3.86 -4.58 -8.37
HE2 PCS B 5 -4.37 -4.11 -10.54
HZ PCS B 5 -5.93 -5.46 -11.66
HE1 PCS B 5 -6.92 -7.23 -10.52
CA CA C . 5.36 5.77 -11.55
CA CA D . 20.86 -6.66 -0.13
#